data_8R9O
#
_entry.id   8R9O
#
_cell.length_a   40.138
_cell.length_b   123.739
_cell.length_c   142.197
_cell.angle_alpha   90.00
_cell.angle_beta   90.00
_cell.angle_gamma   90.00
#
_symmetry.space_group_name_H-M   'P 21 21 21'
#
loop_
_entity.id
_entity.type
_entity.pdbx_description
1 polymer 'Cyclin-dependent kinase 7'
2 non-polymer ~{N}-[(1~{S})-2-(dimethylamino)-1-phenyl-ethyl]-6,6-dimethyl-3-[[4-(propanoylamino)phenyl]carbonylamino]-1,4-dihydropyrrolo[3,4-c]pyrazole-5-carboxamide
3 water water
#
_entity_poly.entity_id   1
_entity_poly.type   'polypeptide(L)'
_entity_poly.pdbx_seq_one_letter_code
;MSYYHHHHHHDYDIPTTENLYFQGSMALDVKSRAKRYEKLDFLGEGQFATVYKARDKNTNQIVAIKKIKLGHRSEAKDGI
NRTALREIKLLQELSHPNIIGLLDAFGHKSNISLVFDFMETDLEVIIKDNSLVLTPSHIKAYMLMTLQGLEYLHQHRILH
RDLKPNNLLLDENGVLKLADFGLAKSFGDPNRAYEHQVVTRWYRAPELLFGARMYGVGVDMWAVGCILAELLLRVPFLPG
DSDLDQLTRIFETLGTPTEEQWPDMCSLPDYVTFKSFPGIPLHHIFSAAGDDLLDLIQGLFLFNPCARITATQALKMKYF
SNRPGPTPGCQLPRPNCPVETLKEQSNPALAIKRKRTEALEQGGLPKKLIF
;
_entity_poly.pdbx_strand_id   A,B
#
# COMPACT_ATOMS: atom_id res chain seq x y z
N LYS A 35 -26.63 22.36 55.22
CA LYS A 35 -26.11 22.11 56.57
C LYS A 35 -26.60 20.78 57.17
N ARG A 36 -27.60 20.09 56.54
CA ARG A 36 -28.15 18.80 57.03
C ARG A 36 -27.06 17.74 57.32
N TYR A 37 -25.81 17.97 56.86
CA TYR A 37 -24.62 17.16 57.11
C TYR A 37 -23.54 18.07 57.74
N GLU A 38 -22.61 17.48 58.50
CA GLU A 38 -21.41 18.19 58.97
C GLU A 38 -20.20 17.29 58.73
N LYS A 39 -19.13 17.86 58.13
CA LYS A 39 -17.96 17.07 57.70
C LYS A 39 -17.16 16.50 58.87
N LEU A 40 -16.56 15.34 58.62
CA LEU A 40 -15.74 14.62 59.58
C LEU A 40 -14.31 14.61 59.01
N ASP A 41 -14.06 13.90 57.87
CA ASP A 41 -12.73 13.71 57.34
C ASP A 41 -12.62 14.23 55.90
N PHE A 42 -11.47 14.83 55.55
CA PHE A 42 -11.14 15.11 54.14
C PHE A 42 -10.96 13.77 53.43
N LEU A 43 -11.44 13.66 52.18
CA LEU A 43 -11.23 12.46 51.39
C LEU A 43 -10.36 12.71 50.16
N GLY A 44 -10.52 13.87 49.50
CA GLY A 44 -9.67 14.21 48.38
C GLY A 44 -9.93 15.56 47.74
N GLU A 45 -8.94 16.02 46.95
CA GLU A 45 -9.06 17.17 46.07
C GLU A 45 -9.09 16.68 44.62
N GLY A 46 -9.57 17.53 43.71
CA GLY A 46 -9.53 17.22 42.29
C GLY A 46 -10.05 18.30 41.39
N GLN A 47 -10.75 17.88 40.33
CA GLN A 47 -11.37 18.79 39.36
C GLN A 47 -12.56 19.43 40.09
N PHE A 48 -13.55 18.59 40.41
CA PHE A 48 -14.80 19.04 40.99
C PHE A 48 -14.68 19.13 42.50
N ALA A 49 -14.38 20.35 42.99
CA ALA A 49 -14.51 20.70 44.41
C ALA A 49 -13.60 19.73 45.31
N THR A 50 -13.83 19.59 46.65
CA THR A 50 -13.21 18.57 47.51
C THR A 50 -14.26 17.56 48.00
N VAL A 51 -13.84 16.32 48.26
CA VAL A 51 -14.76 15.32 48.80
C VAL A 51 -14.51 15.25 50.32
N TYR A 52 -15.58 15.00 51.09
CA TYR A 52 -15.56 15.04 52.55
C TYR A 52 -16.48 13.98 53.11
N LYS A 53 -15.95 13.12 53.98
CA LYS A 53 -16.70 12.08 54.69
C LYS A 53 -17.52 12.73 55.80
N ALA A 54 -18.81 12.37 55.95
CA ALA A 54 -19.73 13.03 56.88
C ALA A 54 -20.67 12.03 57.49
N ARG A 55 -21.16 12.28 58.71
CA ARG A 55 -22.32 11.55 59.22
C ARG A 55 -23.51 12.47 59.01
N ASP A 56 -24.55 11.98 58.30
CA ASP A 56 -25.77 12.75 58.10
C ASP A 56 -26.48 12.89 59.43
N LYS A 57 -26.54 14.12 59.95
CA LYS A 57 -27.15 14.47 61.25
C LYS A 57 -28.35 13.59 61.67
N ASN A 58 -29.30 13.36 60.73
CA ASN A 58 -30.61 12.78 61.05
C ASN A 58 -30.56 11.26 61.08
N THR A 59 -30.03 10.63 60.03
CA THR A 59 -30.05 9.17 59.90
C THR A 59 -28.84 8.52 60.61
N ASN A 60 -27.82 9.33 61.01
CA ASN A 60 -26.56 8.83 61.55
C ASN A 60 -25.73 8.04 60.50
N GLN A 61 -26.22 7.93 59.22
CA GLN A 61 -25.53 7.19 58.16
C GLN A 61 -24.30 7.98 57.69
N ILE A 62 -23.21 7.26 57.31
CA ILE A 62 -21.98 7.91 56.83
C ILE A 62 -22.10 8.12 55.32
N VAL A 63 -21.75 9.30 54.85
CA VAL A 63 -21.85 9.67 53.44
C VAL A 63 -20.51 10.29 52.93
N ALA A 64 -20.38 10.56 51.62
CA ALA A 64 -19.32 11.39 51.04
C ALA A 64 -19.95 12.63 50.39
N ILE A 65 -19.28 13.82 50.47
CA ILE A 65 -19.86 15.13 50.11
C ILE A 65 -18.99 15.92 49.11
N LYS A 66 -19.27 15.82 47.81
CA LYS A 66 -18.57 16.58 46.76
C LYS A 66 -18.72 18.11 47.00
N ASN A 81 -20.48 25.06 36.04
CA ASN A 81 -21.02 23.76 36.46
C ASN A 81 -22.18 23.35 35.56
N ARG A 82 -22.03 23.52 34.24
CA ARG A 82 -22.97 22.90 33.28
C ARG A 82 -22.53 21.44 33.11
N THR A 83 -21.22 21.22 32.92
CA THR A 83 -20.59 19.89 32.80
C THR A 83 -20.81 19.01 34.05
N ALA A 84 -21.03 19.63 35.25
CA ALA A 84 -21.48 18.96 36.48
C ALA A 84 -23.00 19.00 36.74
N LEU A 85 -23.76 20.05 36.34
CA LEU A 85 -25.21 20.11 36.63
C LEU A 85 -26.06 19.22 35.73
N ARG A 86 -25.50 18.68 34.64
CA ARG A 86 -26.14 17.60 33.90
C ARG A 86 -25.80 16.28 34.67
N GLU A 87 -24.57 16.11 35.20
CA GLU A 87 -24.22 14.98 36.08
C GLU A 87 -25.14 14.86 37.33
N ILE A 88 -25.52 16.00 37.93
CA ILE A 88 -26.44 16.08 39.08
C ILE A 88 -27.81 15.63 38.64
N LYS A 89 -28.28 16.09 37.48
CA LYS A 89 -29.55 15.66 36.94
C LYS A 89 -29.55 14.13 36.73
N LEU A 90 -28.53 13.63 36.07
CA LEU A 90 -28.46 12.25 35.59
C LEU A 90 -28.47 11.22 36.74
N LEU A 91 -27.82 11.55 37.83
CA LEU A 91 -27.53 10.58 38.88
C LEU A 91 -28.60 10.50 39.97
N GLN A 92 -29.41 11.58 40.13
CA GLN A 92 -30.52 11.51 41.07
C GLN A 92 -31.73 10.74 40.44
N GLU A 93 -31.86 10.81 39.11
CA GLU A 93 -32.64 9.94 38.20
C GLU A 93 -32.62 8.39 38.53
N LEU A 94 -31.40 7.84 38.57
CA LEU A 94 -31.10 6.42 38.52
C LEU A 94 -31.11 5.79 39.90
N SER A 95 -31.33 4.48 39.96
CA SER A 95 -31.10 3.72 41.17
C SER A 95 -30.75 2.29 40.82
N HIS A 96 -29.53 1.88 41.18
CA HIS A 96 -29.07 0.52 41.06
C HIS A 96 -28.08 0.22 42.20
N PRO A 97 -28.03 -1.02 42.71
CA PRO A 97 -27.01 -1.39 43.68
C PRO A 97 -25.57 -1.19 43.19
N ASN A 98 -25.36 -1.35 41.87
CA ASN A 98 -24.07 -1.23 41.21
C ASN A 98 -23.94 0.12 40.50
N ILE A 99 -24.58 1.18 41.01
CA ILE A 99 -24.38 2.53 40.49
C ILE A 99 -24.34 3.47 41.71
N ILE A 100 -23.38 4.40 41.75
N ILE A 100 -23.38 4.41 41.75
CA ILE A 100 -23.23 5.31 42.90
CA ILE A 100 -23.27 5.29 42.93
C ILE A 100 -24.51 6.16 43.13
C ILE A 100 -24.54 6.13 43.13
N GLY A 101 -25.00 6.15 44.36
CA GLY A 101 -26.23 6.84 44.70
C GLY A 101 -26.01 8.29 45.01
N LEU A 102 -26.59 9.17 44.20
CA LEU A 102 -26.58 10.59 44.54
C LEU A 102 -27.76 10.84 45.47
N LEU A 103 -27.45 11.05 46.73
CA LEU A 103 -28.44 11.11 47.80
C LEU A 103 -28.97 12.52 47.93
N ASP A 104 -28.09 13.55 47.86
CA ASP A 104 -28.54 14.96 47.84
C ASP A 104 -27.57 15.86 47.08
N ALA A 105 -28.00 17.08 46.73
CA ALA A 105 -27.15 18.06 46.04
C ALA A 105 -27.74 19.48 46.23
N PHE A 106 -26.88 20.46 46.57
CA PHE A 106 -27.34 21.77 47.05
C PHE A 106 -26.17 22.76 47.17
N SER A 110 -22.98 29.48 41.27
CA SER A 110 -23.36 28.26 41.99
C SER A 110 -22.09 27.58 42.52
N ASN A 111 -21.99 27.43 43.89
CA ASN A 111 -21.01 26.60 44.60
C ASN A 111 -21.80 25.48 45.30
N ILE A 112 -21.67 24.23 44.80
CA ILE A 112 -22.55 23.10 45.14
C ILE A 112 -21.76 21.98 45.83
N SER A 113 -22.47 21.17 46.62
CA SER A 113 -21.88 20.00 47.26
C SER A 113 -22.86 18.85 47.11
N LEU A 114 -22.34 17.69 46.67
CA LEU A 114 -23.17 16.58 46.21
C LEU A 114 -22.89 15.35 47.08
N VAL A 115 -23.86 14.96 47.85
CA VAL A 115 -23.79 13.82 48.75
C VAL A 115 -23.98 12.48 47.98
N PHE A 116 -22.92 11.69 47.86
CA PHE A 116 -23.00 10.32 47.33
C PHE A 116 -22.94 9.29 48.48
N ASP A 117 -23.03 7.97 48.18
CA ASP A 117 -22.68 6.93 49.16
C ASP A 117 -21.19 7.10 49.58
N PHE A 118 -20.84 6.70 50.84
CA PHE A 118 -19.41 6.57 51.17
C PHE A 118 -18.84 5.19 50.72
N MET A 119 -17.72 5.23 50.02
CA MET A 119 -17.01 4.05 49.53
C MET A 119 -15.63 3.91 50.17
N GLU A 120 -15.40 2.76 50.85
CA GLU A 120 -14.14 2.43 51.52
C GLU A 120 -12.94 2.44 50.55
N THR A 121 -13.08 1.89 49.30
CA THR A 121 -11.95 1.76 48.36
C THR A 121 -12.44 1.69 46.90
N ASP A 122 -11.55 1.35 45.92
CA ASP A 122 -11.84 1.16 44.49
C ASP A 122 -11.01 0.03 43.92
N LEU A 123 -11.38 -0.42 42.71
CA LEU A 123 -10.62 -1.48 42.05
C LEU A 123 -9.15 -1.14 41.75
N GLU A 124 -8.78 0.15 41.51
CA GLU A 124 -7.35 0.46 41.22
C GLU A 124 -6.50 0.08 42.44
N VAL A 125 -6.96 0.39 43.66
CA VAL A 125 -6.29 0.05 44.93
C VAL A 125 -6.10 -1.46 45.03
N ILE A 126 -7.18 -2.22 44.78
CA ILE A 126 -7.22 -3.69 44.83
CA ILE A 126 -7.18 -3.68 44.84
C ILE A 126 -6.21 -4.26 43.79
N ILE A 127 -6.30 -3.79 42.53
CA ILE A 127 -5.35 -4.11 41.47
C ILE A 127 -3.85 -3.82 41.92
N LYS A 128 -3.60 -2.56 42.35
CA LYS A 128 -2.29 -2.10 42.82
C LYS A 128 -1.72 -2.89 44.06
N ASP A 129 -2.61 -3.60 44.81
CA ASP A 129 -2.29 -4.15 46.12
C ASP A 129 -1.68 -5.52 46.03
N ASN A 130 -0.42 -5.65 46.48
CA ASN A 130 0.31 -6.90 46.36
C ASN A 130 -0.07 -7.83 47.47
N SER A 131 -0.40 -7.30 48.69
CA SER A 131 -0.95 -8.12 49.81
C SER A 131 -2.21 -8.95 49.42
N LEU A 132 -2.83 -8.73 48.25
CA LEU A 132 -4.02 -9.46 47.82
C LEU A 132 -3.68 -10.38 46.67
N VAL A 133 -4.27 -11.58 46.73
CA VAL A 133 -4.40 -12.42 45.56
C VAL A 133 -5.87 -12.42 45.15
N LEU A 134 -6.13 -12.19 43.84
CA LEU A 134 -7.47 -12.31 43.30
C LEU A 134 -7.67 -13.73 42.79
N THR A 135 -8.75 -14.36 43.27
CA THR A 135 -9.10 -15.72 42.91
C THR A 135 -10.13 -15.64 41.78
N PRO A 136 -10.29 -16.71 40.98
CA PRO A 136 -11.36 -16.69 39.95
C PRO A 136 -12.72 -16.20 40.42
N SER A 137 -13.04 -16.48 41.68
CA SER A 137 -14.31 -16.12 42.30
C SER A 137 -14.37 -14.67 42.71
N HIS A 138 -13.23 -14.03 43.10
CA HIS A 138 -13.25 -12.58 43.29
C HIS A 138 -13.45 -11.92 41.96
N ILE A 139 -12.72 -12.35 40.92
CA ILE A 139 -12.80 -11.74 39.58
C ILE A 139 -14.20 -11.84 39.03
N LYS A 140 -14.79 -13.02 39.18
CA LYS A 140 -16.15 -13.25 38.69
C LYS A 140 -17.14 -12.29 39.39
N ALA A 141 -17.16 -12.26 40.72
CA ALA A 141 -17.97 -11.32 41.48
C ALA A 141 -17.76 -9.85 41.07
N TYR A 142 -16.50 -9.44 40.83
CA TYR A 142 -16.20 -8.07 40.42
C TYR A 142 -16.80 -7.79 39.05
N MET A 143 -16.61 -8.70 38.08
N MET A 143 -16.61 -8.71 38.09
CA MET A 143 -17.10 -8.48 36.72
CA MET A 143 -17.10 -8.55 36.72
C MET A 143 -18.62 -8.57 36.64
C MET A 143 -18.61 -8.58 36.66
N LEU A 144 -19.23 -9.42 37.48
CA LEU A 144 -20.70 -9.51 37.57
C LEU A 144 -21.28 -8.15 37.98
N MET A 145 -20.89 -7.60 39.13
CA MET A 145 -21.41 -6.31 39.59
CA MET A 145 -21.37 -6.31 39.62
C MET A 145 -21.14 -5.18 38.57
N THR A 146 -19.93 -5.11 38.02
CA THR A 146 -19.60 -4.18 36.92
C THR A 146 -20.59 -4.30 35.74
N LEU A 147 -20.85 -5.52 35.29
CA LEU A 147 -21.65 -5.73 34.13
C LEU A 147 -23.13 -5.53 34.42
N GLN A 148 -23.59 -5.91 35.62
CA GLN A 148 -24.96 -5.67 36.02
C GLN A 148 -25.24 -4.17 36.12
N GLY A 149 -24.37 -3.44 36.78
CA GLY A 149 -24.41 -1.98 36.79
C GLY A 149 -24.37 -1.36 35.41
N LEU A 150 -23.57 -1.91 34.51
CA LEU A 150 -23.50 -1.43 33.15
C LEU A 150 -24.78 -1.74 32.37
N GLU A 151 -25.24 -3.01 32.38
CA GLU A 151 -26.48 -3.43 31.71
C GLU A 151 -27.67 -2.50 32.02
N TYR A 152 -27.92 -2.22 33.32
CA TYR A 152 -28.84 -1.18 33.79
C TYR A 152 -28.68 0.18 33.08
N LEU A 153 -27.46 0.72 32.97
CA LEU A 153 -27.23 2.00 32.31
C LEU A 153 -27.53 1.99 30.84
N HIS A 154 -27.26 0.90 30.19
CA HIS A 154 -27.41 0.74 28.75
C HIS A 154 -28.85 0.40 28.36
N GLN A 155 -29.59 -0.28 29.25
CA GLN A 155 -31.03 -0.38 29.09
C GLN A 155 -31.71 0.97 29.34
N HIS A 156 -31.13 1.85 30.17
CA HIS A 156 -31.57 3.24 30.30
C HIS A 156 -30.91 4.17 29.30
N ARG A 157 -30.47 3.62 28.16
CA ARG A 157 -29.84 4.37 27.07
C ARG A 157 -28.83 5.41 27.54
N ILE A 158 -27.96 5.03 28.50
CA ILE A 158 -26.82 5.83 28.96
C ILE A 158 -25.56 5.07 28.65
N LEU A 159 -24.54 5.78 28.13
CA LEU A 159 -23.13 5.36 28.08
C LEU A 159 -22.38 6.07 29.19
N HIS A 160 -21.51 5.33 29.93
CA HIS A 160 -20.58 5.89 30.93
C HIS A 160 -19.42 6.63 30.27
N ARG A 161 -18.75 5.96 29.29
CA ARG A 161 -17.62 6.46 28.52
C ARG A 161 -16.33 6.76 29.31
N ASP A 162 -16.27 6.46 30.60
CA ASP A 162 -15.04 6.65 31.36
C ASP A 162 -14.80 5.48 32.28
N LEU A 163 -15.09 4.24 31.82
CA LEU A 163 -14.86 3.06 32.63
C LEU A 163 -13.36 2.88 32.76
N LYS A 164 -12.91 2.80 34.00
CA LYS A 164 -11.52 2.53 34.33
C LYS A 164 -11.48 2.11 35.80
N PRO A 165 -10.51 1.32 36.27
CA PRO A 165 -10.70 0.63 37.54
C PRO A 165 -10.80 1.56 38.74
N ASN A 166 -10.23 2.77 38.66
CA ASN A 166 -10.33 3.77 39.72
C ASN A 166 -11.75 4.37 39.86
N ASN A 167 -12.63 4.15 38.87
CA ASN A 167 -14.04 4.53 38.93
C ASN A 167 -14.97 3.43 39.43
N LEU A 168 -14.45 2.22 39.71
CA LEU A 168 -15.30 1.12 40.08
C LEU A 168 -15.20 0.94 41.55
N LEU A 169 -15.95 1.74 42.27
CA LEU A 169 -15.74 1.91 43.71
C LEU A 169 -16.31 0.72 44.47
N LEU A 170 -15.81 0.45 45.69
CA LEU A 170 -16.35 -0.58 46.55
C LEU A 170 -16.70 -0.08 47.94
N ASP A 171 -17.78 -0.61 48.55
CA ASP A 171 -18.16 -0.28 49.93
C ASP A 171 -17.53 -1.30 50.90
N GLU A 172 -17.74 -1.09 52.22
CA GLU A 172 -17.33 -2.00 53.29
C GLU A 172 -17.98 -3.39 53.24
N ASN A 173 -19.14 -3.51 52.60
CA ASN A 173 -19.85 -4.78 52.49
C ASN A 173 -19.64 -5.45 51.09
N GLY A 174 -18.58 -5.07 50.38
CA GLY A 174 -18.16 -5.70 49.14
C GLY A 174 -19.07 -5.47 47.97
N VAL A 175 -19.74 -4.30 47.92
CA VAL A 175 -20.62 -3.94 46.82
C VAL A 175 -19.94 -2.89 45.96
N LEU A 176 -19.77 -3.22 44.68
CA LEU A 176 -19.10 -2.39 43.69
C LEU A 176 -20.13 -1.52 42.99
N LYS A 177 -19.80 -0.21 42.84
CA LYS A 177 -20.67 0.81 42.28
C LYS A 177 -19.89 1.66 41.29
N LEU A 178 -20.41 1.83 40.06
CA LEU A 178 -19.72 2.64 39.06
C LEU A 178 -19.85 4.08 39.45
N ALA A 179 -18.73 4.84 39.33
CA ALA A 179 -18.64 6.25 39.71
C ALA A 179 -18.04 7.16 38.59
N ASP A 180 -18.32 8.50 38.65
CA ASP A 180 -17.87 9.54 37.74
C ASP A 180 -18.61 9.50 36.44
N PHE A 181 -19.80 10.10 36.45
CA PHE A 181 -20.66 10.29 35.30
C PHE A 181 -20.49 11.69 34.68
N GLY A 182 -19.29 12.21 34.74
CA GLY A 182 -18.96 13.51 34.14
C GLY A 182 -18.72 13.42 32.65
N LEU A 183 -18.29 12.24 32.19
CA LEU A 183 -18.22 11.93 30.76
C LEU A 183 -19.45 11.16 30.25
N ALA A 184 -20.38 10.74 31.12
CA ALA A 184 -21.53 9.94 30.71
C ALA A 184 -22.48 10.73 29.84
N LYS A 185 -23.07 10.06 28.81
CA LYS A 185 -24.06 10.66 27.91
C LYS A 185 -25.22 9.70 27.51
N SER A 186 -26.42 10.24 27.31
CA SER A 186 -27.48 9.46 26.68
C SER A 186 -27.12 9.06 25.24
N PHE A 187 -27.64 7.93 24.79
CA PHE A 187 -27.61 7.60 23.36
C PHE A 187 -28.35 8.71 22.50
N GLY A 188 -29.28 9.45 23.13
CA GLY A 188 -29.92 10.64 22.56
C GLY A 188 -29.00 11.82 22.29
N VAL A 199 -12.81 8.14 27.01
CA VAL A 199 -12.12 7.50 28.15
C VAL A 199 -10.60 7.67 28.00
N THR A 200 -9.87 7.52 29.12
CA THR A 200 -8.40 7.60 29.07
C THR A 200 -7.83 6.52 28.14
N ARG A 201 -6.66 6.80 27.50
CA ARG A 201 -6.14 6.03 26.34
C ARG A 201 -6.24 4.54 26.53
N TRP A 202 -5.95 4.05 27.77
CA TRP A 202 -5.67 2.63 27.99
C TRP A 202 -6.87 1.75 28.04
N TYR A 203 -8.07 2.32 28.24
CA TYR A 203 -9.37 1.63 28.22
C TYR A 203 -10.23 2.07 26.98
N ARG A 204 -9.62 2.76 25.98
CA ARG A 204 -10.29 3.40 24.86
C ARG A 204 -10.32 2.44 23.70
N ALA A 205 -11.47 2.36 23.06
CA ALA A 205 -11.80 1.39 22.04
C ALA A 205 -11.08 1.73 20.75
N PRO A 206 -10.74 0.73 19.91
CA PRO A 206 -10.02 1.03 18.67
C PRO A 206 -10.76 2.07 17.80
N GLU A 207 -12.08 1.90 17.59
CA GLU A 207 -12.85 2.88 16.85
C GLU A 207 -12.68 4.34 17.33
N LEU A 208 -12.74 4.59 18.67
CA LEU A 208 -12.55 5.94 19.23
C LEU A 208 -11.14 6.46 18.94
N LEU A 209 -10.12 5.59 18.98
CA LEU A 209 -8.75 5.95 18.61
C LEU A 209 -8.62 6.30 17.14
N PHE A 210 -9.33 5.57 16.28
CA PHE A 210 -9.44 5.93 14.88
C PHE A 210 -10.09 7.31 14.71
N GLY A 211 -11.20 7.53 15.37
CA GLY A 211 -12.07 8.66 15.09
C GLY A 211 -13.33 8.07 14.52
N ALA A 212 -14.20 7.63 15.41
CA ALA A 212 -15.60 7.37 15.14
C ALA A 212 -16.33 8.33 16.03
N ARG A 213 -17.35 9.08 15.52
CA ARG A 213 -18.31 9.75 16.42
C ARG A 213 -19.67 9.07 16.41
N MET A 214 -20.02 8.32 15.35
CA MET A 214 -21.08 7.32 15.48
CA MET A 214 -21.08 7.33 15.48
C MET A 214 -20.42 6.16 16.18
N TYR A 215 -20.77 5.94 17.46
CA TYR A 215 -20.28 4.82 18.28
C TYR A 215 -21.31 4.52 19.41
N GLY A 216 -21.21 3.32 19.99
CA GLY A 216 -22.27 2.78 20.84
C GLY A 216 -21.80 2.23 22.18
N VAL A 217 -22.42 1.11 22.63
CA VAL A 217 -22.11 0.39 23.89
C VAL A 217 -20.75 -0.28 23.87
N GLY A 218 -20.29 -0.68 22.67
CA GLY A 218 -18.96 -1.25 22.42
C GLY A 218 -17.81 -0.46 23.00
N VAL A 219 -18.01 0.84 23.14
CA VAL A 219 -17.06 1.73 23.80
C VAL A 219 -16.85 1.32 25.27
N ASP A 220 -17.96 1.16 26.01
CA ASP A 220 -17.94 0.71 27.40
C ASP A 220 -17.57 -0.76 27.52
N MET A 221 -17.87 -1.60 26.49
CA MET A 221 -17.59 -3.03 26.57
C MET A 221 -16.11 -3.33 26.40
N TRP A 222 -15.43 -2.61 25.52
CA TRP A 222 -13.98 -2.75 25.37
C TRP A 222 -13.29 -2.42 26.68
N ALA A 223 -13.72 -1.35 27.38
CA ALA A 223 -13.12 -0.95 28.64
C ALA A 223 -13.28 -2.05 29.69
N VAL A 224 -14.42 -2.70 29.74
CA VAL A 224 -14.66 -3.84 30.63
C VAL A 224 -13.68 -4.98 30.36
N GLY A 225 -13.35 -5.24 29.10
CA GLY A 225 -12.29 -6.19 28.76
C GLY A 225 -10.96 -5.74 29.32
N CYS A 226 -10.63 -4.47 29.11
CA CYS A 226 -9.41 -3.88 29.62
C CYS A 226 -9.34 -3.99 31.18
N ILE A 227 -10.45 -3.74 31.86
CA ILE A 227 -10.51 -3.86 33.33
C ILE A 227 -10.42 -5.31 33.74
N LEU A 228 -11.11 -6.19 33.03
CA LEU A 228 -11.01 -7.64 33.27
C LEU A 228 -9.57 -8.22 33.13
N ALA A 229 -8.85 -7.81 32.08
CA ALA A 229 -7.45 -8.20 31.86
C ALA A 229 -6.58 -7.73 33.00
N GLU A 230 -6.86 -6.55 33.54
CA GLU A 230 -6.08 -5.92 34.59
C GLU A 230 -6.41 -6.61 35.92
N LEU A 231 -7.65 -7.05 36.13
CA LEU A 231 -7.96 -7.98 37.23
C LEU A 231 -7.09 -9.27 37.19
N LEU A 232 -6.83 -9.84 35.99
CA LEU A 232 -6.07 -11.07 35.81
C LEU A 232 -4.56 -10.85 35.87
N LEU A 233 -4.04 -10.00 35.02
CA LEU A 233 -2.60 -9.77 34.91
C LEU A 233 -2.10 -8.89 36.09
N ARG A 234 -2.96 -8.06 36.67
CA ARG A 234 -2.65 -7.07 37.71
C ARG A 234 -1.78 -5.89 37.20
N VAL A 235 -1.89 -5.64 35.91
CA VAL A 235 -1.17 -4.59 35.20
C VAL A 235 -2.05 -4.12 34.02
N PRO A 236 -2.01 -2.83 33.59
CA PRO A 236 -2.80 -2.43 32.42
C PRO A 236 -2.43 -3.28 31.21
N PHE A 237 -3.41 -3.67 30.44
CA PHE A 237 -3.22 -4.65 29.38
C PHE A 237 -2.53 -4.00 28.14
N LEU A 238 -2.99 -2.79 27.79
CA LEU A 238 -2.55 -2.12 26.60
C LEU A 238 -2.16 -0.70 27.00
N PRO A 239 -1.04 -0.54 27.72
CA PRO A 239 -0.69 0.77 28.28
C PRO A 239 0.10 1.63 27.30
N GLY A 240 -0.60 2.29 26.36
CA GLY A 240 -0.02 3.15 25.36
C GLY A 240 0.32 4.52 25.89
N ASP A 241 1.28 5.16 25.21
CA ASP A 241 1.78 6.49 25.57
C ASP A 241 1.58 7.55 24.43
N SER A 242 0.81 7.19 23.39
CA SER A 242 0.10 8.10 22.45
C SER A 242 -1.18 7.38 21.90
N ASP A 243 -2.07 8.07 21.19
CA ASP A 243 -3.26 7.38 20.64
C ASP A 243 -2.86 6.44 19.47
N LEU A 244 -1.75 6.71 18.76
CA LEU A 244 -1.20 5.75 17.81
C LEU A 244 -0.53 4.56 18.53
N ASP A 245 0.33 4.81 19.59
CA ASP A 245 0.91 3.68 20.33
C ASP A 245 -0.17 2.77 20.93
N GLN A 246 -1.35 3.31 21.20
CA GLN A 246 -2.43 2.50 21.72
C GLN A 246 -2.94 1.55 20.64
N LEU A 247 -2.97 1.97 19.35
CA LEU A 247 -3.40 1.11 18.23
C LEU A 247 -2.29 0.11 17.89
N THR A 248 -1.04 0.57 17.85
CA THR A 248 0.12 -0.33 17.80
C THR A 248 0.05 -1.49 18.83
N ARG A 249 -0.38 -1.19 20.08
CA ARG A 249 -0.47 -2.16 21.20
C ARG A 249 -1.68 -3.07 21.11
N ILE A 250 -2.81 -2.54 20.64
CA ILE A 250 -3.98 -3.35 20.40
C ILE A 250 -3.71 -4.34 19.27
N PHE A 251 -3.05 -3.88 18.20
CA PHE A 251 -2.86 -4.70 17.02
C PHE A 251 -1.68 -5.69 17.12
N GLU A 252 -0.68 -5.49 18.00
CA GLU A 252 0.32 -6.54 18.23
C GLU A 252 -0.19 -7.61 19.18
N THR A 253 -1.01 -7.24 20.15
CA THR A 253 -1.54 -8.18 21.14
C THR A 253 -2.74 -8.99 20.61
N LEU A 254 -3.72 -8.34 19.98
CA LEU A 254 -4.92 -9.03 19.46
C LEU A 254 -4.89 -9.28 17.93
N GLY A 255 -3.88 -8.77 17.22
CA GLY A 255 -3.79 -8.93 15.78
C GLY A 255 -4.48 -7.80 15.07
N THR A 256 -3.94 -7.40 13.91
CA THR A 256 -4.51 -6.35 13.08
C THR A 256 -5.84 -6.84 12.51
N PRO A 257 -6.95 -6.08 12.69
CA PRO A 257 -8.21 -6.50 12.10
C PRO A 257 -8.19 -6.22 10.61
N THR A 258 -8.69 -7.18 9.85
CA THR A 258 -9.00 -7.01 8.44
C THR A 258 -10.40 -6.34 8.26
N GLU A 259 -10.82 -6.05 7.01
CA GLU A 259 -12.21 -5.65 6.75
C GLU A 259 -13.16 -6.87 6.52
N GLU A 260 -12.69 -8.09 6.89
CA GLU A 260 -13.51 -9.26 7.18
C GLU A 260 -13.75 -9.34 8.73
N GLN A 261 -12.74 -8.90 9.55
CA GLN A 261 -12.90 -8.59 10.98
C GLN A 261 -13.65 -7.27 11.24
N TRP A 262 -14.13 -6.57 10.18
CA TRP A 262 -14.66 -5.21 10.34
C TRP A 262 -15.29 -4.70 9.00
N PRO A 263 -16.64 -4.64 8.85
CA PRO A 263 -17.20 -4.39 7.50
C PRO A 263 -16.97 -2.97 6.92
N ASP A 264 -17.33 -1.90 7.68
CA ASP A 264 -17.25 -0.49 7.22
C ASP A 264 -16.12 0.27 7.95
N MET A 265 -14.90 -0.32 8.00
CA MET A 265 -13.75 0.22 8.72
C MET A 265 -13.15 1.44 8.02
N CYS A 266 -12.91 1.35 6.72
CA CYS A 266 -12.24 2.42 5.98
C CYS A 266 -13.10 3.70 5.90
N SER A 267 -14.44 3.56 5.98
CA SER A 267 -15.35 4.70 6.08
C SER A 267 -15.09 5.56 7.34
N LEU A 268 -14.31 5.07 8.35
CA LEU A 268 -13.90 5.93 9.48
C LEU A 268 -13.11 7.13 8.92
N PRO A 269 -13.33 8.37 9.40
CA PRO A 269 -12.58 9.51 8.83
C PRO A 269 -11.06 9.29 8.91
N ASP A 270 -10.58 8.72 10.04
CA ASP A 270 -9.16 8.49 10.27
C ASP A 270 -8.88 6.98 10.53
N TYR A 271 -9.34 6.09 9.61
CA TYR A 271 -8.78 4.74 9.40
C TYR A 271 -7.37 4.86 8.77
N VAL A 272 -6.44 4.00 9.18
CA VAL A 272 -5.05 4.08 8.72
C VAL A 272 -4.45 2.67 8.51
N THR A 273 -3.65 2.50 7.43
CA THR A 273 -3.08 1.22 7.02
C THR A 273 -1.93 0.79 7.92
N PHE A 274 -2.23 -0.07 8.90
CA PHE A 274 -1.30 -0.47 9.93
C PHE A 274 -0.51 -1.74 9.54
N LYS A 275 0.67 -1.95 10.17
CA LYS A 275 1.48 -3.19 10.03
C LYS A 275 0.61 -4.42 10.31
N SER A 276 0.67 -5.47 9.45
CA SER A 276 -0.21 -6.61 9.66
C SER A 276 0.37 -7.64 10.64
N PHE A 277 0.10 -7.44 11.95
CA PHE A 277 0.50 -8.36 13.02
C PHE A 277 -0.50 -9.53 13.12
N PRO A 278 -0.09 -10.69 13.65
CA PRO A 278 -1.05 -11.77 13.93
C PRO A 278 -1.62 -11.76 15.35
N GLY A 279 -0.94 -11.11 16.29
CA GLY A 279 -1.36 -11.11 17.69
C GLY A 279 -0.90 -12.30 18.49
N ILE A 280 -1.03 -12.17 19.80
CA ILE A 280 -0.77 -13.22 20.79
C ILE A 280 -2.12 -13.96 21.01
N PRO A 281 -2.16 -15.29 21.01
CA PRO A 281 -3.38 -15.98 21.47
C PRO A 281 -3.74 -15.66 22.90
N LEU A 282 -5.05 -15.55 23.18
CA LEU A 282 -5.50 -15.19 24.53
C LEU A 282 -5.01 -16.22 25.58
N HIS A 283 -4.97 -17.54 25.28
CA HIS A 283 -4.54 -18.53 26.26
C HIS A 283 -3.06 -18.33 26.72
N HIS A 284 -2.22 -17.69 25.90
CA HIS A 284 -0.87 -17.30 26.32
C HIS A 284 -0.86 -16.10 27.25
N ILE A 285 -1.81 -15.19 27.09
CA ILE A 285 -1.83 -13.96 27.89
C ILE A 285 -2.46 -14.32 29.22
N PHE A 286 -3.67 -14.94 29.16
CA PHE A 286 -4.49 -15.32 30.29
C PHE A 286 -4.36 -16.85 30.37
N SER A 287 -3.21 -17.27 30.92
CA SER A 287 -2.83 -18.68 31.05
C SER A 287 -3.65 -19.41 32.10
N ALA A 288 -4.04 -18.68 33.18
CA ALA A 288 -4.83 -19.25 34.27
C ALA A 288 -6.33 -19.22 33.98
N ALA A 289 -6.78 -18.62 32.85
CA ALA A 289 -8.20 -18.55 32.51
C ALA A 289 -8.63 -19.82 31.79
N GLY A 290 -9.86 -20.25 32.10
CA GLY A 290 -10.50 -21.34 31.39
C GLY A 290 -11.19 -20.87 30.13
N ASP A 291 -11.57 -21.83 29.28
CA ASP A 291 -12.28 -21.61 28.01
C ASP A 291 -13.54 -20.75 28.16
N ASP A 292 -14.24 -20.82 29.31
CA ASP A 292 -15.42 -19.98 29.55
C ASP A 292 -15.07 -18.50 29.73
N LEU A 293 -13.97 -18.22 30.40
CA LEU A 293 -13.51 -16.85 30.57
C LEU A 293 -12.75 -16.36 29.34
N LEU A 294 -12.06 -17.25 28.60
CA LEU A 294 -11.45 -16.86 27.33
C LEU A 294 -12.48 -16.39 26.33
N ASP A 295 -13.69 -17.02 26.34
CA ASP A 295 -14.76 -16.62 25.45
C ASP A 295 -15.32 -15.27 25.87
N LEU A 296 -15.42 -14.98 27.18
CA LEU A 296 -15.83 -13.65 27.64
C LEU A 296 -14.87 -12.57 27.15
N ILE A 297 -13.58 -12.77 27.36
CA ILE A 297 -12.53 -11.84 26.95
C ILE A 297 -12.51 -11.69 25.43
N GLN A 298 -12.71 -12.81 24.69
CA GLN A 298 -12.78 -12.83 23.22
C GLN A 298 -13.92 -11.95 22.73
N GLY A 299 -15.08 -12.09 23.36
CA GLY A 299 -16.25 -11.33 22.99
C GLY A 299 -16.06 -9.85 23.20
N LEU A 300 -15.47 -9.48 24.34
CA LEU A 300 -15.33 -8.06 24.68
C LEU A 300 -14.38 -7.33 23.77
N PHE A 301 -13.42 -8.03 23.17
CA PHE A 301 -12.32 -7.42 22.43
C PHE A 301 -12.48 -7.56 20.91
N LEU A 302 -13.65 -7.96 20.41
CA LEU A 302 -13.92 -8.01 18.98
C LEU A 302 -13.86 -6.60 18.40
N PHE A 303 -13.21 -6.40 17.23
CA PHE A 303 -12.97 -5.07 16.71
C PHE A 303 -14.21 -4.47 16.14
N ASN A 304 -15.06 -5.27 15.49
CA ASN A 304 -16.32 -4.74 14.97
C ASN A 304 -17.20 -4.38 16.20
N PRO A 305 -17.52 -3.09 16.42
CA PRO A 305 -18.44 -2.74 17.51
C PRO A 305 -19.87 -3.22 17.38
N CYS A 306 -20.25 -3.80 16.23
CA CYS A 306 -21.52 -4.48 16.08
C CYS A 306 -21.39 -5.94 16.53
N ALA A 307 -20.27 -6.59 16.25
CA ALA A 307 -20.01 -7.96 16.70
C ALA A 307 -19.77 -8.01 18.23
N ARG A 308 -19.03 -7.01 18.77
CA ARG A 308 -18.65 -6.92 20.18
C ARG A 308 -19.80 -7.19 21.13
N ILE A 309 -19.54 -7.97 22.20
CA ILE A 309 -20.66 -8.44 23.05
C ILE A 309 -21.21 -7.34 23.96
N THR A 310 -22.52 -7.35 24.15
CA THR A 310 -23.19 -6.38 24.99
C THR A 310 -23.12 -6.80 26.46
N ALA A 311 -23.39 -5.89 27.42
CA ALA A 311 -23.43 -6.29 28.85
C ALA A 311 -24.35 -7.49 29.09
N THR A 312 -25.45 -7.54 28.34
CA THR A 312 -26.46 -8.59 28.42
C THR A 312 -25.95 -9.94 27.89
N GLN A 313 -25.25 -9.94 26.75
CA GLN A 313 -24.69 -11.17 26.22
C GLN A 313 -23.56 -11.63 27.10
N ALA A 314 -22.74 -10.71 27.62
CA ALA A 314 -21.71 -11.05 28.60
C ALA A 314 -22.31 -11.73 29.83
N LEU A 315 -23.41 -11.20 30.37
CA LEU A 315 -24.02 -11.78 31.58
C LEU A 315 -24.78 -13.12 31.35
N LYS A 316 -25.36 -13.34 30.17
CA LYS A 316 -25.91 -14.66 29.80
C LYS A 316 -24.79 -15.65 29.38
N MET A 317 -23.49 -15.28 29.48
CA MET A 317 -22.34 -16.15 29.15
C MET A 317 -22.11 -17.23 30.20
N LYS A 318 -21.82 -18.48 29.76
CA LYS A 318 -21.68 -19.64 30.66
C LYS A 318 -20.71 -19.34 31.79
N TYR A 319 -19.62 -18.56 31.54
CA TYR A 319 -18.67 -18.08 32.53
C TYR A 319 -19.30 -17.70 33.88
N PHE A 320 -20.42 -16.97 33.89
CA PHE A 320 -21.01 -16.51 35.15
C PHE A 320 -21.85 -17.60 35.86
N SER A 321 -22.32 -18.63 35.09
CA SER A 321 -23.07 -19.78 35.59
C SER A 321 -22.17 -21.01 35.94
N ASN A 322 -20.92 -21.04 35.42
CA ASN A 322 -19.99 -22.11 35.75
C ASN A 322 -19.41 -21.95 37.14
N ARG A 323 -18.83 -23.03 37.69
CA ARG A 323 -18.07 -22.95 38.92
C ARG A 323 -16.65 -22.49 38.57
N PRO A 324 -15.92 -21.86 39.52
CA PRO A 324 -16.36 -21.41 40.85
C PRO A 324 -17.26 -20.19 40.74
N GLY A 325 -18.29 -20.13 41.58
CA GLY A 325 -19.19 -18.99 41.56
C GLY A 325 -18.57 -17.71 42.11
N PRO A 326 -19.29 -16.59 41.99
CA PRO A 326 -18.81 -15.34 42.58
C PRO A 326 -18.74 -15.36 44.12
N THR A 327 -17.70 -14.72 44.60
CA THR A 327 -17.45 -14.54 46.03
C THR A 327 -18.53 -13.62 46.61
N PRO A 328 -19.08 -13.87 47.81
CA PRO A 328 -19.96 -12.87 48.43
C PRO A 328 -19.19 -11.62 48.80
N GLY A 329 -19.83 -10.48 48.80
CA GLY A 329 -19.19 -9.20 49.08
C GLY A 329 -18.43 -9.21 50.38
N CYS A 330 -19.08 -9.69 51.46
CA CYS A 330 -18.46 -9.87 52.78
C CYS A 330 -17.08 -10.55 52.72
N GLN A 331 -16.88 -11.43 51.71
CA GLN A 331 -15.64 -12.20 51.60
C GLN A 331 -14.77 -11.79 50.43
N LEU A 332 -15.15 -10.74 49.70
CA LEU A 332 -14.24 -10.08 48.79
C LEU A 332 -13.06 -9.47 49.58
N PRO A 333 -11.89 -9.41 48.94
CA PRO A 333 -10.70 -8.95 49.66
C PRO A 333 -10.69 -7.46 49.95
N ARG A 334 -10.97 -7.06 51.21
CA ARG A 334 -10.84 -5.66 51.62
C ARG A 334 -9.39 -5.31 51.91
N PRO A 335 -8.84 -4.20 51.32
CA PRO A 335 -7.48 -3.77 51.66
C PRO A 335 -7.42 -2.81 52.85
N ASN A 336 -6.17 -2.49 53.28
CA ASN A 336 -5.86 -1.41 54.21
C ASN A 336 -5.15 -0.26 53.45
N CYS A 337 -5.02 0.91 54.10
CA CYS A 337 -4.74 2.17 53.40
C CYS A 337 -3.35 2.25 52.81
N LYS B 35 2.25 21.71 -8.27
CA LYS B 35 2.69 20.59 -9.13
C LYS B 35 2.21 19.23 -8.57
N ARG B 36 2.47 18.13 -9.33
CA ARG B 36 2.17 16.74 -8.97
C ARG B 36 3.43 15.87 -8.88
N TYR B 37 4.65 16.42 -9.07
CA TYR B 37 5.85 15.62 -9.29
C TYR B 37 7.06 16.15 -8.52
N GLU B 38 7.60 15.41 -7.51
CA GLU B 38 8.85 15.77 -6.86
C GLU B 38 10.03 15.22 -7.62
N LYS B 39 10.84 16.09 -8.26
CA LYS B 39 12.10 15.69 -8.90
C LYS B 39 13.04 15.08 -7.87
N LEU B 40 13.78 14.06 -8.29
CA LEU B 40 14.66 13.28 -7.42
C LEU B 40 16.12 13.31 -7.92
N ASP B 41 16.38 12.79 -9.14
CA ASP B 41 17.73 12.65 -9.67
C ASP B 41 17.85 13.17 -11.10
N PHE B 42 19.01 13.69 -11.44
CA PHE B 42 19.35 14.06 -12.83
C PHE B 42 19.58 12.76 -13.59
N LEU B 43 19.04 12.61 -14.83
CA LEU B 43 19.23 11.40 -15.61
C LEU B 43 20.13 11.63 -16.83
N GLY B 44 19.98 12.78 -17.50
CA GLY B 44 20.85 13.09 -18.63
C GLY B 44 20.62 14.41 -19.31
N GLU B 45 21.60 14.85 -20.14
CA GLU B 45 21.50 16.07 -20.94
C GLU B 45 22.13 15.85 -22.32
N GLY B 46 21.33 16.06 -23.36
CA GLY B 46 21.69 15.60 -24.70
C GLY B 46 21.92 16.75 -25.66
N GLN B 47 21.02 16.89 -26.64
CA GLN B 47 21.24 17.78 -27.78
C GLN B 47 20.83 19.21 -27.37
N PHE B 48 19.63 19.35 -26.79
CA PHE B 48 19.30 20.50 -25.93
C PHE B 48 19.02 20.02 -24.46
N ALA B 49 18.10 19.04 -24.29
CA ALA B 49 17.26 18.90 -23.09
C ALA B 49 17.89 18.11 -21.93
N THR B 50 17.29 18.25 -20.69
CA THR B 50 17.61 17.48 -19.48
C THR B 50 16.44 16.54 -19.15
N VAL B 51 16.74 15.30 -18.77
CA VAL B 51 15.79 14.33 -18.22
C VAL B 51 16.02 14.24 -16.70
N TYR B 52 14.93 14.02 -15.93
CA TYR B 52 14.93 14.04 -14.47
C TYR B 52 13.96 13.00 -13.92
N LYS B 53 14.47 12.10 -13.05
CA LYS B 53 13.66 11.11 -12.33
C LYS B 53 12.81 11.89 -11.34
N ALA B 54 11.58 11.45 -11.12
CA ALA B 54 10.68 12.10 -10.18
C ALA B 54 9.69 11.10 -9.56
N ARG B 55 9.08 11.42 -8.40
CA ARG B 55 7.92 10.67 -7.86
C ARG B 55 6.60 11.41 -8.24
N ASP B 56 5.56 10.67 -8.57
CA ASP B 56 4.23 11.23 -8.87
C ASP B 56 3.37 11.25 -7.58
N LYS B 57 3.23 12.43 -6.96
CA LYS B 57 2.73 12.63 -5.58
C LYS B 57 1.30 12.08 -5.29
N ASN B 58 0.56 11.63 -6.33
CA ASN B 58 -0.80 11.09 -6.21
C ASN B 58 -0.77 9.55 -6.24
N THR B 59 0.13 8.96 -7.05
CA THR B 59 0.31 7.51 -7.16
C THR B 59 1.58 6.95 -6.43
N ASN B 60 2.49 7.84 -5.96
CA ASN B 60 3.88 7.55 -5.53
C ASN B 60 4.76 6.82 -6.57
N GLN B 61 4.28 6.66 -7.83
CA GLN B 61 5.03 5.99 -8.89
C GLN B 61 6.20 6.89 -9.31
N ILE B 62 7.34 6.27 -9.56
CA ILE B 62 8.50 6.95 -10.14
C ILE B 62 8.26 7.18 -11.64
N VAL B 63 8.64 8.36 -12.16
CA VAL B 63 8.54 8.73 -13.57
C VAL B 63 9.85 9.35 -14.10
N ALA B 64 9.96 9.58 -15.43
CA ALA B 64 11.04 10.36 -16.01
C ALA B 64 10.43 11.58 -16.68
N ILE B 65 11.06 12.75 -16.54
CA ILE B 65 10.48 13.98 -17.08
C ILE B 65 11.53 14.67 -17.95
N LYS B 66 11.34 14.65 -19.29
CA LYS B 66 12.18 15.37 -20.25
C LYS B 66 11.67 16.78 -20.26
N LYS B 67 12.17 17.57 -19.31
CA LYS B 67 11.93 18.99 -19.22
C LYS B 67 12.93 19.70 -20.14
N ILE B 68 12.43 20.39 -21.16
CA ILE B 68 13.30 21.01 -22.17
C ILE B 68 13.78 22.38 -21.60
N ASN B 81 10.20 23.72 -30.84
CA ASN B 81 9.65 24.69 -31.79
C ASN B 81 8.92 24.02 -32.97
N ARG B 82 9.45 22.89 -33.47
CA ARG B 82 9.01 22.27 -34.73
C ARG B 82 8.91 20.74 -34.60
N THR B 83 9.89 20.09 -33.98
CA THR B 83 9.97 18.63 -33.94
C THR B 83 9.20 18.09 -32.74
N ALA B 84 9.42 18.66 -31.54
CA ALA B 84 8.98 18.03 -30.30
C ALA B 84 7.47 18.04 -30.15
N LEU B 85 6.79 19.06 -30.69
CA LEU B 85 5.34 19.18 -30.67
C LEU B 85 4.69 17.97 -31.33
N ARG B 86 5.28 17.50 -32.44
CA ARG B 86 4.78 16.33 -33.15
C ARG B 86 4.92 15.09 -32.25
N GLU B 87 6.10 14.90 -31.61
CA GLU B 87 6.32 13.84 -30.62
C GLU B 87 5.26 13.89 -29.50
N ILE B 88 4.89 15.07 -28.99
CA ILE B 88 3.92 15.17 -27.88
C ILE B 88 2.57 14.67 -28.34
N LYS B 89 2.16 15.10 -29.53
CA LYS B 89 0.89 14.65 -30.10
C LYS B 89 0.90 13.13 -30.29
N LEU B 90 2.00 12.58 -30.85
CA LEU B 90 2.07 11.19 -31.30
C LEU B 90 2.12 10.13 -30.17
N LEU B 91 2.64 10.45 -28.97
CA LEU B 91 2.69 9.44 -27.89
C LEU B 91 1.41 9.35 -27.03
N GLN B 92 0.85 10.49 -26.52
CA GLN B 92 -0.40 10.46 -25.75
C GLN B 92 -1.53 9.75 -26.54
N GLU B 93 -1.50 9.88 -27.89
CA GLU B 93 -2.26 9.00 -28.82
C GLU B 93 -2.21 7.46 -28.49
N LEU B 94 -0.99 6.94 -28.46
CA LEU B 94 -0.69 5.51 -28.52
C LEU B 94 -0.68 4.87 -27.14
N SER B 95 -0.92 3.56 -27.08
CA SER B 95 -0.68 2.81 -25.88
C SER B 95 -0.33 1.37 -26.25
N HIS B 96 0.88 0.97 -25.89
CA HIS B 96 1.35 -0.39 -26.02
C HIS B 96 2.34 -0.69 -24.86
N PRO B 97 2.37 -1.94 -24.37
CA PRO B 97 3.42 -2.31 -23.40
C PRO B 97 4.84 -2.11 -23.88
N ASN B 98 5.06 -2.27 -25.20
CA ASN B 98 6.35 -2.14 -25.85
C ASN B 98 6.49 -0.78 -26.55
N ILE B 99 5.85 0.27 -26.04
CA ILE B 99 6.04 1.63 -26.55
C ILE B 99 6.12 2.53 -25.33
N ILE B 100 7.17 3.39 -25.24
CA ILE B 100 7.35 4.30 -24.11
C ILE B 100 6.07 5.14 -23.89
N GLY B 101 5.64 5.28 -22.64
CA GLY B 101 4.39 5.96 -22.33
C GLY B 101 4.56 7.41 -22.00
N LEU B 102 3.96 8.28 -22.79
CA LEU B 102 3.87 9.69 -22.43
C LEU B 102 2.66 9.85 -21.52
N LEU B 103 2.93 10.06 -20.25
CA LEU B 103 1.93 10.05 -19.20
C LEU B 103 1.34 11.45 -19.03
N ASP B 104 2.18 12.51 -19.08
CA ASP B 104 1.66 13.88 -19.07
C ASP B 104 2.61 14.88 -19.75
N ALA B 105 2.19 16.18 -19.86
CA ALA B 105 3.10 17.28 -20.20
C ALA B 105 2.76 18.59 -19.48
N PHE B 106 3.80 19.43 -19.22
CA PHE B 106 3.66 20.85 -18.79
C PHE B 106 4.54 21.84 -19.65
N GLY B 107 4.60 23.14 -19.23
CA GLY B 107 5.46 24.20 -19.79
C GLY B 107 4.69 25.45 -20.19
N SER B 110 9.52 28.28 -25.79
CA SER B 110 9.07 27.42 -24.70
C SER B 110 10.16 26.46 -24.15
N ASN B 111 9.88 25.90 -22.93
CA ASN B 111 10.42 24.64 -22.38
C ASN B 111 9.18 23.77 -21.98
N ILE B 112 9.31 22.41 -21.98
CA ILE B 112 8.16 21.52 -21.79
C ILE B 112 8.52 20.30 -20.92
N SER B 113 7.98 20.22 -19.67
CA SER B 113 7.95 18.95 -18.91
C SER B 113 7.23 17.90 -19.75
N LEU B 114 7.82 16.72 -19.92
CA LEU B 114 7.17 15.63 -20.64
C LEU B 114 7.34 14.42 -19.82
N VAL B 115 6.34 14.08 -19.03
CA VAL B 115 6.44 12.94 -18.14
C VAL B 115 6.31 11.63 -18.96
N PHE B 116 7.44 10.97 -19.20
CA PHE B 116 7.51 9.61 -19.73
C PHE B 116 7.56 8.62 -18.54
N ASP B 117 7.58 7.31 -18.80
CA ASP B 117 7.69 6.35 -17.72
C ASP B 117 9.16 6.04 -17.48
N PHE B 118 9.55 5.76 -16.23
CA PHE B 118 10.97 5.65 -15.90
C PHE B 118 11.53 4.27 -16.34
N MET B 119 12.67 4.31 -17.02
CA MET B 119 13.39 3.12 -17.51
C MET B 119 14.79 3.03 -16.89
N GLU B 120 15.11 1.91 -16.23
CA GLU B 120 16.41 1.74 -15.61
C GLU B 120 17.54 1.89 -16.65
N THR B 121 17.43 1.14 -17.78
CA THR B 121 18.54 0.93 -18.70
C THR B 121 18.02 0.83 -20.16
N ASP B 122 18.91 0.49 -21.13
CA ASP B 122 18.62 0.30 -22.55
C ASP B 122 19.46 -0.82 -23.13
N LEU B 123 19.14 -1.27 -24.35
CA LEU B 123 19.86 -2.36 -24.98
C LEU B 123 21.30 -2.00 -25.32
N GLU B 124 21.66 -0.70 -25.56
CA GLU B 124 23.08 -0.38 -25.85
C GLU B 124 23.96 -0.75 -24.65
N VAL B 125 23.49 -0.44 -23.42
CA VAL B 125 24.18 -0.79 -22.17
C VAL B 125 24.38 -2.32 -22.07
N ILE B 126 23.28 -3.07 -22.32
CA ILE B 126 23.26 -4.54 -22.27
CA ILE B 126 23.29 -4.53 -22.25
C ILE B 126 24.26 -5.11 -23.29
N ILE B 127 24.20 -4.60 -24.50
CA ILE B 127 25.00 -5.10 -25.60
C ILE B 127 26.49 -4.88 -25.35
N LYS B 128 26.89 -3.76 -24.65
CA LYS B 128 28.31 -3.44 -24.36
C LYS B 128 28.81 -4.18 -23.09
N ASP B 129 28.00 -4.14 -22.00
CA ASP B 129 28.37 -4.75 -20.72
C ASP B 129 28.77 -6.20 -20.90
N ASN B 130 30.03 -6.50 -20.56
CA ASN B 130 30.75 -7.78 -20.71
C ASN B 130 30.40 -8.74 -19.59
N SER B 131 30.07 -8.22 -18.37
CA SER B 131 29.50 -9.03 -17.27
C SER B 131 28.24 -9.83 -17.67
N LEU B 132 27.65 -9.60 -18.84
CA LEU B 132 26.45 -10.33 -19.29
C LEU B 132 26.77 -11.25 -20.43
N VAL B 133 26.19 -12.43 -20.38
CA VAL B 133 26.05 -13.28 -21.54
C VAL B 133 24.58 -13.28 -21.96
N LEU B 134 24.32 -13.05 -23.27
CA LEU B 134 22.99 -13.16 -23.80
C LEU B 134 22.78 -14.59 -24.32
N THR B 135 21.72 -15.22 -23.85
CA THR B 135 21.36 -16.56 -24.22
C THR B 135 20.32 -16.48 -25.36
N PRO B 136 20.16 -17.54 -26.16
CA PRO B 136 19.11 -17.53 -27.19
C PRO B 136 17.75 -17.03 -26.73
N SER B 137 17.42 -17.31 -25.49
CA SER B 137 16.14 -16.95 -24.86
C SER B 137 16.07 -15.51 -24.44
N HIS B 138 17.22 -14.87 -24.04
CA HIS B 138 17.20 -13.41 -23.84
C HIS B 138 17.00 -12.75 -25.17
N ILE B 139 17.74 -13.19 -26.22
CA ILE B 139 17.66 -12.57 -27.55
C ILE B 139 16.25 -12.68 -28.11
N LYS B 140 15.62 -13.86 -27.94
CA LYS B 140 14.26 -14.09 -28.41
C LYS B 140 13.22 -13.23 -27.70
N ALA B 141 13.29 -13.10 -26.41
CA ALA B 141 12.48 -12.17 -25.65
C ALA B 141 12.71 -10.69 -26.06
N TYR B 142 13.95 -10.30 -26.28
CA TYR B 142 14.26 -8.93 -26.69
C TYR B 142 13.66 -8.63 -28.06
N MET B 143 13.85 -9.54 -29.04
N MET B 143 13.86 -9.55 -29.03
CA MET B 143 13.36 -9.32 -30.39
CA MET B 143 13.37 -9.39 -30.40
C MET B 143 11.84 -9.41 -30.47
C MET B 143 11.85 -9.41 -30.46
N LEU B 144 11.22 -10.26 -29.64
CA LEU B 144 9.77 -10.35 -29.56
C LEU B 144 9.18 -9.00 -29.14
N MET B 145 9.59 -8.46 -28.00
CA MET B 145 9.07 -7.18 -27.52
C MET B 145 9.30 -6.04 -28.53
N THR B 146 10.51 -5.97 -29.08
CA THR B 146 10.85 -5.03 -30.16
C THR B 146 9.86 -5.13 -31.35
N LEU B 147 9.59 -6.34 -31.85
CA LEU B 147 8.73 -6.52 -33.04
C LEU B 147 7.23 -6.45 -32.75
N GLN B 148 6.85 -6.76 -31.51
CA GLN B 148 5.48 -6.53 -31.09
C GLN B 148 5.20 -5.02 -30.99
N GLY B 149 6.08 -4.30 -30.32
CA GLY B 149 6.03 -2.84 -30.30
C GLY B 149 6.06 -2.22 -31.67
N LEU B 150 6.87 -2.76 -32.57
CA LEU B 150 6.93 -2.26 -33.94
C LEU B 150 5.66 -2.57 -34.73
N GLU B 151 5.21 -3.84 -34.73
CA GLU B 151 3.96 -4.26 -35.40
C GLU B 151 2.77 -3.34 -35.09
N TYR B 152 2.52 -3.06 -33.77
CA TYR B 152 1.59 -2.02 -33.30
C TYR B 152 1.76 -0.66 -34.00
N LEU B 153 3.01 -0.09 -34.07
CA LEU B 153 3.19 1.21 -34.73
C LEU B 153 2.70 1.15 -36.19
N HIS B 154 3.11 0.08 -36.91
CA HIS B 154 2.98 -0.09 -38.36
C HIS B 154 1.56 -0.42 -38.75
N GLN B 155 0.83 -1.09 -37.86
CA GLN B 155 -0.61 -1.20 -38.00
C GLN B 155 -1.30 0.16 -37.75
N HIS B 156 -0.71 1.03 -36.91
CA HIS B 156 -1.16 2.42 -36.78
C HIS B 156 -0.52 3.38 -37.79
N ARG B 157 -0.06 2.83 -38.95
CA ARG B 157 0.59 3.56 -40.02
CA ARG B 157 0.58 3.57 -40.03
C ARG B 157 1.59 4.61 -39.54
N ILE B 158 2.45 4.22 -38.58
CA ILE B 158 3.59 5.03 -38.10
C ILE B 158 4.84 4.26 -38.42
N LEU B 159 5.87 4.99 -38.93
CA LEU B 159 7.29 4.56 -38.96
C LEU B 159 8.05 5.25 -37.83
N HIS B 160 8.90 4.52 -37.10
CA HIS B 160 9.84 5.07 -36.10
C HIS B 160 11.02 5.83 -36.74
N ARG B 161 11.72 5.20 -37.68
CA ARG B 161 12.80 5.83 -38.46
C ARG B 161 14.04 6.18 -37.64
N ASP B 162 14.14 5.69 -36.40
CA ASP B 162 15.39 5.85 -35.64
C ASP B 162 15.63 4.67 -34.73
N LEU B 163 15.30 3.46 -35.20
CA LEU B 163 15.48 2.27 -34.40
C LEU B 163 16.92 1.91 -34.29
N LYS B 164 17.46 1.99 -33.08
CA LYS B 164 18.82 1.59 -32.76
C LYS B 164 18.84 1.16 -31.28
N PRO B 165 19.88 0.45 -30.78
CA PRO B 165 19.71 -0.24 -29.51
C PRO B 165 19.59 0.70 -28.30
N ASN B 166 20.17 1.91 -28.39
CA ASN B 166 20.06 2.91 -27.32
C ASN B 166 18.65 3.50 -27.19
N ASN B 167 17.75 3.26 -28.18
CA ASN B 167 16.34 3.66 -28.10
C ASN B 167 15.41 2.56 -27.62
N LEU B 168 15.86 1.33 -27.49
CA LEU B 168 15.02 0.23 -26.99
C LEU B 168 15.38 0.23 -25.54
N LEU B 169 14.50 0.83 -24.75
CA LEU B 169 14.69 0.98 -23.32
C LEU B 169 14.11 -0.19 -22.55
N LEU B 170 14.54 -0.42 -21.29
CA LEU B 170 14.07 -1.54 -20.45
C LEU B 170 13.69 -1.12 -19.04
N ASP B 171 12.53 -1.63 -18.53
CA ASP B 171 12.12 -1.30 -17.14
C ASP B 171 12.51 -2.38 -16.11
N GLU B 172 12.41 -2.07 -14.81
CA GLU B 172 12.85 -2.97 -13.72
C GLU B 172 12.22 -4.37 -13.77
N ASN B 173 11.08 -4.50 -14.44
CA ASN B 173 10.38 -5.79 -14.57
C ASN B 173 10.63 -6.45 -15.96
N GLY B 174 11.71 -6.07 -16.65
CA GLY B 174 12.16 -6.68 -17.88
C GLY B 174 11.27 -6.44 -19.09
N VAL B 175 10.61 -5.28 -19.14
CA VAL B 175 9.76 -4.91 -20.26
C VAL B 175 10.45 -3.86 -21.09
N LEU B 176 10.64 -4.17 -22.38
CA LEU B 176 11.31 -3.32 -23.36
C LEU B 176 10.29 -2.44 -24.05
N LYS B 177 10.63 -1.14 -24.18
CA LYS B 177 9.75 -0.11 -24.74
C LYS B 177 10.53 0.75 -25.71
N LEU B 178 9.96 0.99 -26.92
CA LEU B 178 10.63 1.79 -27.92
C LEU B 178 10.45 3.24 -27.59
N ALA B 179 11.49 4.02 -27.84
CA ALA B 179 11.58 5.41 -27.40
C ALA B 179 12.18 6.26 -28.50
N ASP B 180 12.02 7.60 -28.37
CA ASP B 180 12.52 8.66 -29.26
C ASP B 180 11.79 8.62 -30.57
N PHE B 181 10.60 9.22 -30.55
CA PHE B 181 9.74 9.42 -31.70
C PHE B 181 9.89 10.84 -32.29
N GLY B 182 11.12 11.37 -32.23
CA GLY B 182 11.44 12.66 -32.81
C GLY B 182 11.66 12.59 -34.31
N LEU B 183 12.11 11.42 -34.79
CA LEU B 183 12.18 11.12 -36.21
C LEU B 183 10.95 10.35 -36.73
N ALA B 184 10.03 9.92 -35.86
CA ALA B 184 8.88 9.12 -36.28
C ALA B 184 7.91 9.93 -37.12
N LYS B 185 7.31 9.33 -38.17
CA LYS B 185 6.25 10.03 -38.96
C LYS B 185 5.31 9.08 -39.69
N SER B 186 4.01 9.46 -39.73
CA SER B 186 2.96 8.66 -40.36
C SER B 186 3.34 8.26 -41.80
N PHE B 187 2.81 7.14 -42.26
CA PHE B 187 2.86 6.81 -43.69
C PHE B 187 2.15 7.94 -44.55
N GLY B 188 1.20 8.67 -43.93
CA GLY B 188 0.60 9.88 -44.49
C GLY B 188 1.52 11.08 -44.72
N ASP B 189 2.47 11.34 -43.79
CA ASP B 189 3.27 12.58 -43.87
C ASP B 189 4.21 12.60 -45.11
N PRO B 190 4.63 13.79 -45.62
CA PRO B 190 5.69 13.82 -46.65
C PRO B 190 7.14 14.18 -46.18
N ASN B 191 8.11 13.96 -47.11
CA ASN B 191 9.57 14.12 -46.90
C ASN B 191 10.05 15.32 -47.72
N GLN B 197 14.85 13.50 -42.86
CA GLN B 197 15.69 12.86 -41.83
C GLN B 197 15.78 11.33 -41.99
N VAL B 198 16.69 10.68 -41.23
CA VAL B 198 17.10 9.27 -41.44
C VAL B 198 17.71 8.71 -40.17
N VAL B 199 17.60 7.37 -39.97
CA VAL B 199 18.30 6.71 -38.85
C VAL B 199 19.81 6.88 -38.98
N THR B 200 20.56 6.69 -37.87
CA THR B 200 22.00 6.78 -37.90
C THR B 200 22.58 5.72 -38.84
N ARG B 201 23.74 6.02 -39.42
CA ARG B 201 24.32 5.32 -40.56
C ARG B 201 24.26 3.80 -40.43
N TRP B 202 24.53 3.28 -39.24
CA TRP B 202 24.80 1.86 -39.04
C TRP B 202 23.59 0.96 -39.01
N TYR B 203 22.40 1.54 -38.84
CA TYR B 203 21.15 0.80 -38.97
C TYR B 203 20.38 1.32 -40.23
N ARG B 204 21.05 2.09 -41.15
CA ARG B 204 20.45 2.69 -42.35
C ARG B 204 20.22 1.61 -43.38
N ALA B 205 19.00 1.60 -43.99
CA ALA B 205 18.66 0.63 -45.03
C ALA B 205 19.35 0.99 -46.35
N PRO B 206 19.57 0.07 -47.30
CA PRO B 206 20.15 0.45 -48.60
C PRO B 206 19.42 1.54 -49.37
N GLU B 207 18.08 1.44 -49.51
CA GLU B 207 17.20 2.38 -50.16
C GLU B 207 17.26 3.76 -49.60
N LEU B 208 17.61 3.92 -48.33
CA LEU B 208 17.91 5.23 -47.75
C LEU B 208 19.33 5.75 -48.05
N LEU B 209 20.29 4.86 -48.14
CA LEU B 209 21.64 5.21 -48.58
C LEU B 209 21.60 5.74 -50.04
N PHE B 210 20.98 4.99 -50.96
CA PHE B 210 20.73 5.47 -52.32
C PHE B 210 19.63 6.58 -52.41
N GLY B 211 19.25 7.20 -51.29
CA GLY B 211 18.52 8.47 -51.24
C GLY B 211 17.09 8.48 -51.75
N ALA B 212 16.44 7.31 -51.75
CA ALA B 212 15.04 7.19 -52.18
C ALA B 212 14.15 7.77 -51.10
N ARG B 213 13.01 8.34 -51.50
CA ARG B 213 12.09 9.07 -50.60
C ARG B 213 10.72 8.39 -50.53
N MET B 214 10.31 7.68 -51.60
CA MET B 214 9.31 6.63 -51.48
C MET B 214 10.05 5.45 -50.82
N TYR B 215 9.73 5.22 -49.55
CA TYR B 215 10.21 4.12 -48.73
C TYR B 215 9.19 3.79 -47.61
N GLY B 216 9.29 2.59 -47.03
CA GLY B 216 8.23 2.03 -46.20
C GLY B 216 8.68 1.47 -44.87
N VAL B 217 8.05 0.36 -44.44
CA VAL B 217 8.35 -0.38 -43.17
C VAL B 217 9.70 -1.06 -43.19
N GLY B 218 10.17 -1.45 -44.39
CA GLY B 218 11.50 -2.01 -44.64
C GLY B 218 12.67 -1.23 -44.06
N VAL B 219 12.51 0.07 -43.96
CA VAL B 219 13.45 1.02 -43.35
C VAL B 219 13.60 0.77 -41.88
N ASP B 220 12.52 0.34 -41.18
CA ASP B 220 12.52 -0.07 -39.78
C ASP B 220 12.83 -1.53 -39.57
N MET B 221 12.59 -2.38 -40.58
CA MET B 221 12.87 -3.82 -40.51
C MET B 221 14.34 -4.12 -40.68
N TRP B 222 15.03 -3.38 -41.55
CA TRP B 222 16.48 -3.53 -41.71
C TRP B 222 17.17 -3.20 -40.40
N ALA B 223 16.75 -2.15 -39.70
CA ALA B 223 17.35 -1.76 -38.44
C ALA B 223 17.20 -2.86 -37.39
N VAL B 224 16.04 -3.51 -37.35
CA VAL B 224 15.80 -4.65 -36.46
C VAL B 224 16.77 -5.80 -36.75
N GLY B 225 17.11 -6.04 -38.01
CA GLY B 225 18.16 -6.99 -38.34
C GLY B 225 19.49 -6.55 -37.78
N CYS B 226 19.83 -5.28 -37.99
CA CYS B 226 21.05 -4.70 -37.47
C CYS B 226 21.11 -4.80 -35.92
N ILE B 227 20.01 -4.55 -35.23
CA ILE B 227 19.95 -4.69 -33.76
C ILE B 227 20.05 -6.14 -33.37
N LEU B 228 19.35 -7.02 -34.08
CA LEU B 228 19.45 -8.47 -33.85
C LEU B 228 20.91 -9.03 -33.98
N ALA B 229 21.64 -8.64 -35.03
CA ALA B 229 23.03 -9.05 -35.24
C ALA B 229 23.98 -8.48 -34.16
N GLU B 230 23.62 -7.36 -33.57
CA GLU B 230 24.38 -6.76 -32.49
C GLU B 230 24.05 -7.44 -31.18
N LEU B 231 22.80 -7.88 -30.96
CA LEU B 231 22.50 -8.80 -29.87
C LEU B 231 23.36 -10.09 -29.92
N LEU B 232 23.62 -10.66 -31.13
CA LEU B 232 24.38 -11.91 -31.30
C LEU B 232 25.89 -11.68 -31.25
N LEU B 233 26.40 -10.83 -32.09
CA LEU B 233 27.85 -10.62 -32.20
C LEU B 233 28.35 -9.75 -31.00
N ARG B 234 27.49 -8.91 -30.41
CA ARG B 234 27.80 -7.93 -29.37
C ARG B 234 28.66 -6.75 -29.88
N VAL B 235 28.56 -6.49 -31.17
CA VAL B 235 29.29 -5.44 -31.88
C VAL B 235 28.41 -4.96 -33.04
N PRO B 236 28.45 -3.66 -33.45
CA PRO B 236 27.64 -3.27 -34.64
C PRO B 236 27.98 -4.11 -35.86
N PHE B 237 26.96 -4.56 -36.55
CA PHE B 237 27.07 -5.46 -37.71
C PHE B 237 27.85 -4.79 -38.87
N LEU B 238 27.41 -3.59 -39.28
CA LEU B 238 27.88 -2.90 -40.46
C LEU B 238 28.28 -1.50 -40.04
N PRO B 239 29.41 -1.32 -39.30
CA PRO B 239 29.72 -0.01 -38.71
C PRO B 239 30.55 0.85 -39.66
N GLY B 240 29.88 1.48 -40.61
CA GLY B 240 30.48 2.33 -41.62
C GLY B 240 30.84 3.67 -41.07
N ASP B 241 31.80 4.34 -41.74
CA ASP B 241 32.31 5.65 -41.35
C ASP B 241 32.11 6.71 -42.46
N SER B 242 31.36 6.38 -43.53
CA SER B 242 30.70 7.31 -44.46
C SER B 242 29.42 6.61 -45.03
N ASP B 243 28.49 7.36 -45.73
CA ASP B 243 27.35 6.70 -46.40
C ASP B 243 27.84 5.63 -47.39
N LEU B 244 28.93 5.96 -48.13
CA LEU B 244 29.52 5.08 -49.12
C LEU B 244 30.18 3.87 -48.47
N ASP B 245 30.92 4.05 -47.36
CA ASP B 245 31.48 2.90 -46.61
C ASP B 245 30.38 2.00 -46.05
N GLN B 246 29.19 2.54 -45.79
CA GLN B 246 28.09 1.75 -45.28
C GLN B 246 27.59 0.82 -46.37
N LEU B 247 27.58 1.26 -47.66
CA LEU B 247 27.15 0.42 -48.79
C LEU B 247 28.24 -0.59 -49.13
N THR B 248 29.49 -0.15 -49.16
CA THR B 248 30.65 -1.06 -49.21
C THR B 248 30.56 -2.24 -48.20
N ARG B 249 30.12 -1.94 -46.94
CA ARG B 249 30.00 -2.92 -45.85
C ARG B 249 28.79 -3.81 -45.96
N ILE B 250 27.68 -3.26 -46.43
CA ILE B 250 26.48 -4.06 -46.68
C ILE B 250 26.75 -5.03 -47.83
N PHE B 251 27.47 -4.61 -48.89
CA PHE B 251 27.63 -5.44 -50.06
C PHE B 251 28.75 -6.45 -49.96
N GLU B 252 29.75 -6.22 -49.09
CA GLU B 252 30.73 -7.28 -48.88
C GLU B 252 30.17 -8.34 -47.94
N THR B 253 29.25 -7.95 -47.00
CA THR B 253 28.75 -8.81 -45.95
C THR B 253 27.55 -9.63 -46.41
N LEU B 254 26.66 -9.02 -47.18
CA LEU B 254 25.43 -9.68 -47.66
C LEU B 254 25.45 -9.95 -49.19
N GLY B 255 26.46 -9.45 -49.90
CA GLY B 255 26.55 -9.58 -51.34
C GLY B 255 25.84 -8.44 -52.03
N THR B 256 26.31 -8.06 -53.21
CA THR B 256 25.63 -7.03 -54.00
C THR B 256 24.27 -7.51 -54.54
N PRO B 257 23.22 -6.64 -54.58
CA PRO B 257 22.02 -6.95 -55.37
C PRO B 257 22.12 -6.61 -56.88
N THR B 258 21.04 -6.96 -57.61
CA THR B 258 20.88 -6.85 -59.08
C THR B 258 19.40 -6.55 -59.47
N GLU B 259 19.10 -6.22 -60.74
CA GLU B 259 17.70 -6.04 -61.20
C GLU B 259 16.82 -7.31 -60.96
N GLU B 260 17.44 -8.47 -60.76
CA GLU B 260 16.71 -9.69 -60.41
C GLU B 260 16.41 -9.68 -58.88
N GLN B 261 17.45 -9.49 -58.04
CA GLN B 261 17.30 -9.47 -56.57
C GLN B 261 16.60 -8.19 -56.03
N TRP B 262 16.62 -7.11 -56.81
CA TRP B 262 15.95 -5.85 -56.52
C TRP B 262 15.60 -5.19 -57.88
N PRO B 263 14.39 -5.40 -58.43
CA PRO B 263 14.10 -4.84 -59.77
C PRO B 263 14.17 -3.31 -59.88
N ASP B 264 13.43 -2.56 -59.02
CA ASP B 264 13.29 -1.09 -59.13
C ASP B 264 14.50 -0.32 -58.51
N MET B 265 15.66 -1.01 -58.33
CA MET B 265 16.89 -0.44 -57.77
C MET B 265 17.48 0.62 -58.68
N CYS B 266 17.37 0.44 -60.02
CA CYS B 266 17.82 1.43 -61.03
C CYS B 266 17.21 2.83 -60.81
N SER B 267 15.92 2.91 -60.41
CA SER B 267 15.15 4.15 -60.39
C SER B 267 15.57 5.13 -59.30
N LEU B 268 16.27 4.64 -58.25
CA LEU B 268 16.50 5.46 -57.06
C LEU B 268 17.47 6.60 -57.35
N PRO B 269 17.35 7.76 -56.65
CA PRO B 269 18.02 8.98 -57.16
C PRO B 269 19.54 9.03 -56.93
N ASP B 270 20.10 8.06 -56.17
CA ASP B 270 21.54 7.94 -55.97
C ASP B 270 22.01 6.50 -56.19
N TYR B 271 21.29 5.66 -57.00
CA TYR B 271 21.76 4.29 -57.25
C TYR B 271 23.13 4.35 -57.98
N VAL B 272 24.06 3.47 -57.62
CA VAL B 272 25.41 3.51 -58.16
C VAL B 272 25.96 2.07 -58.37
N THR B 273 26.67 1.86 -59.50
CA THR B 273 27.17 0.55 -59.92
C THR B 273 28.39 0.11 -59.08
N PHE B 274 28.14 -0.72 -58.07
CA PHE B 274 29.13 -1.12 -57.08
C PHE B 274 29.90 -2.38 -57.50
N LYS B 275 31.09 -2.59 -56.90
CA LYS B 275 31.95 -3.78 -57.18
C LYS B 275 31.16 -5.04 -56.78
N SER B 276 31.09 -6.09 -57.65
CA SER B 276 30.17 -7.24 -57.45
C SER B 276 30.72 -8.30 -56.48
N PHE B 277 30.45 -8.11 -55.17
CA PHE B 277 30.84 -9.04 -54.10
C PHE B 277 29.81 -10.19 -54.03
N PRO B 278 30.21 -11.37 -53.51
CA PRO B 278 29.22 -12.44 -53.24
C PRO B 278 28.67 -12.45 -51.81
N GLY B 279 29.36 -11.81 -50.86
CA GLY B 279 28.94 -11.82 -49.47
C GLY B 279 29.39 -13.03 -48.69
N ILE B 280 29.29 -12.91 -47.36
CA ILE B 280 29.56 -13.97 -46.39
C ILE B 280 28.21 -14.71 -46.16
N PRO B 281 28.18 -16.05 -46.17
CA PRO B 281 26.97 -16.75 -45.68
C PRO B 281 26.64 -16.47 -44.23
N LEU B 282 25.36 -16.46 -43.94
CA LEU B 282 24.87 -16.08 -42.63
C LEU B 282 25.29 -17.06 -41.54
N HIS B 283 25.45 -18.35 -41.87
CA HIS B 283 25.91 -19.34 -40.89
C HIS B 283 27.38 -19.12 -40.44
N HIS B 284 28.20 -18.48 -41.27
CA HIS B 284 29.55 -18.10 -40.87
C HIS B 284 29.58 -16.90 -39.93
N ILE B 285 28.62 -15.98 -40.08
CA ILE B 285 28.61 -14.77 -39.27
C ILE B 285 27.97 -15.13 -37.93
N PHE B 286 26.79 -15.75 -37.99
CA PHE B 286 25.97 -16.14 -36.86
C PHE B 286 26.10 -17.66 -36.78
N SER B 287 27.25 -18.09 -36.24
CA SER B 287 27.63 -19.50 -36.12
C SER B 287 26.83 -20.23 -35.07
N ALA B 288 26.42 -19.52 -33.99
CA ALA B 288 25.63 -20.08 -32.91
C ALA B 288 24.13 -20.05 -33.20
N ALA B 289 23.69 -19.45 -34.32
CA ALA B 289 22.27 -19.38 -34.66
C ALA B 289 21.84 -20.64 -35.39
N GLY B 290 20.61 -21.08 -35.10
CA GLY B 290 19.98 -22.16 -35.83
C GLY B 290 19.29 -21.68 -37.09
N ASP B 291 18.90 -22.63 -37.93
CA ASP B 291 18.17 -22.39 -39.19
C ASP B 291 16.90 -21.54 -39.02
N ASP B 292 16.22 -21.60 -37.87
CA ASP B 292 15.03 -20.78 -37.61
C ASP B 292 15.39 -19.31 -37.43
N LEU B 293 16.50 -19.02 -36.76
CA LEU B 293 16.96 -17.66 -36.58
C LEU B 293 17.70 -17.17 -37.81
N LEU B 294 18.40 -18.04 -38.55
CA LEU B 294 19.00 -17.65 -39.84
C LEU B 294 17.96 -17.17 -40.82
N ASP B 295 16.76 -17.80 -40.81
CA ASP B 295 15.68 -17.39 -41.69
C ASP B 295 15.12 -16.04 -41.27
N LEU B 296 15.03 -15.76 -39.95
CA LEU B 296 14.62 -14.44 -39.49
C LEU B 296 15.57 -13.36 -39.98
N ILE B 297 16.86 -13.57 -39.78
CA ILE B 297 17.93 -12.63 -40.18
C ILE B 297 17.94 -12.48 -41.71
N GLN B 298 17.73 -13.57 -42.44
CA GLN B 298 17.66 -13.59 -43.92
C GLN B 298 16.54 -12.72 -44.40
N GLY B 299 15.38 -12.86 -43.77
CA GLY B 299 14.19 -12.10 -44.15
C GLY B 299 14.38 -10.61 -43.92
N LEU B 300 14.98 -10.24 -42.78
CA LEU B 300 15.13 -8.83 -42.44
C LEU B 300 16.08 -8.09 -43.33
N PHE B 301 17.05 -8.81 -43.94
CA PHE B 301 18.13 -8.19 -44.67
C PHE B 301 18.00 -8.32 -46.20
N LEU B 302 16.81 -8.70 -46.70
CA LEU B 302 16.55 -8.76 -48.13
C LEU B 302 16.63 -7.34 -48.71
N PHE B 303 17.37 -7.17 -49.81
CA PHE B 303 17.60 -5.85 -50.40
C PHE B 303 16.33 -5.20 -50.96
N ASN B 304 15.43 -5.97 -51.59
CA ASN B 304 14.16 -5.44 -52.10
C ASN B 304 13.29 -5.08 -50.88
N PRO B 305 12.95 -3.80 -50.65
CA PRO B 305 12.03 -3.45 -49.55
C PRO B 305 10.60 -3.94 -49.69
N CYS B 306 10.22 -4.52 -50.86
CA CYS B 306 8.94 -5.19 -51.02
C CYS B 306 9.07 -6.66 -50.59
N ALA B 307 10.22 -7.30 -50.86
CA ALA B 307 10.48 -8.67 -50.41
C ALA B 307 10.71 -8.75 -48.89
N ARG B 308 11.44 -7.75 -48.35
CA ARG B 308 11.81 -7.67 -46.93
C ARG B 308 10.64 -7.94 -45.99
N ILE B 309 10.90 -8.72 -44.95
N ILE B 309 10.87 -8.80 -44.97
CA ILE B 309 9.92 -9.27 -44.02
CA ILE B 309 9.77 -9.27 -44.12
C ILE B 309 9.29 -8.14 -43.18
C ILE B 309 9.26 -8.15 -43.22
N THR B 310 7.95 -8.14 -42.98
CA THR B 310 7.27 -7.15 -42.13
C THR B 310 7.34 -7.60 -40.67
N ALA B 311 7.06 -6.69 -39.69
CA ALA B 311 7.01 -7.10 -38.28
C ALA B 311 6.10 -8.30 -38.05
N THR B 312 5.00 -8.35 -38.79
CA THR B 312 3.99 -9.40 -38.72
C THR B 312 4.49 -10.73 -39.25
N GLN B 313 5.20 -10.73 -40.39
CA GLN B 313 5.76 -11.96 -40.93
C GLN B 313 6.89 -12.44 -40.07
N ALA B 314 7.72 -11.52 -39.54
CA ALA B 314 8.75 -11.85 -38.56
C ALA B 314 8.14 -12.55 -37.33
N LEU B 315 7.03 -12.02 -36.78
CA LEU B 315 6.43 -12.59 -35.58
C LEU B 315 5.70 -13.93 -35.81
N LYS B 316 5.11 -14.15 -37.00
CA LYS B 316 4.52 -15.46 -37.35
C LYS B 316 5.60 -16.50 -37.69
N MET B 317 6.86 -16.33 -37.26
CA MET B 317 7.94 -17.23 -37.71
C MET B 317 8.23 -18.31 -36.69
N LYS B 318 8.47 -19.53 -37.21
CA LYS B 318 8.88 -20.69 -36.42
C LYS B 318 9.91 -20.37 -35.31
N TYR B 319 10.79 -19.40 -35.54
CA TYR B 319 11.76 -18.97 -34.54
C TYR B 319 11.11 -18.58 -33.21
N PHE B 320 10.02 -17.80 -33.23
CA PHE B 320 9.36 -17.36 -32.01
C PHE B 320 8.61 -18.52 -31.24
N SER B 321 8.12 -19.55 -32.01
CA SER B 321 7.40 -20.70 -31.50
C SER B 321 8.32 -21.89 -31.19
N ASN B 322 9.54 -21.92 -31.73
CA ASN B 322 10.48 -23.00 -31.42
C ASN B 322 11.08 -22.83 -30.03
N ARG B 323 11.66 -23.91 -29.49
CA ARG B 323 12.42 -23.82 -28.25
C ARG B 323 13.84 -23.34 -28.60
N PRO B 324 14.57 -22.71 -27.65
CA PRO B 324 14.11 -22.25 -26.33
C PRO B 324 13.21 -21.02 -26.46
N GLY B 325 12.19 -20.95 -25.63
CA GLY B 325 11.28 -19.82 -25.65
C GLY B 325 11.89 -18.55 -25.08
N PRO B 326 11.16 -17.44 -25.18
CA PRO B 326 11.65 -16.20 -24.58
C PRO B 326 11.71 -16.22 -23.05
N THR B 327 12.75 -15.58 -22.56
CA THR B 327 13.00 -15.42 -21.12
C THR B 327 11.91 -14.51 -20.54
N PRO B 328 11.37 -14.82 -19.33
CA PRO B 328 10.46 -13.86 -18.70
C PRO B 328 11.21 -12.60 -18.30
N GLY B 329 10.53 -11.46 -18.30
CA GLY B 329 11.15 -10.18 -17.99
C GLY B 329 11.89 -10.19 -16.69
N CYS B 330 11.25 -10.70 -15.62
CA CYS B 330 11.87 -10.88 -14.30
C CYS B 330 13.27 -11.53 -14.37
N GLN B 331 13.51 -12.39 -15.38
CA GLN B 331 14.77 -13.12 -15.52
C GLN B 331 15.64 -12.67 -16.69
N LEU B 332 15.27 -11.61 -17.39
CA LEU B 332 16.17 -10.97 -18.37
C LEU B 332 17.34 -10.33 -17.57
N PRO B 333 18.58 -10.31 -18.10
CA PRO B 333 19.72 -9.77 -17.34
C PRO B 333 19.63 -8.29 -17.07
N ARG B 334 19.80 -7.90 -15.82
CA ARG B 334 19.72 -6.49 -15.40
C ARG B 334 21.11 -5.97 -15.02
N PRO B 335 21.70 -4.99 -15.73
CA PRO B 335 23.07 -4.57 -15.42
C PRO B 335 23.14 -3.56 -14.27
N ASN B 336 24.38 -3.23 -13.85
CA ASN B 336 24.69 -2.12 -12.95
C ASN B 336 25.43 -1.01 -13.74
N CYS B 337 25.57 0.19 -13.14
CA CYS B 337 26.01 1.39 -13.85
C CYS B 337 27.52 1.37 -14.17
#